data_8P5Z
#
_entry.id   8P5Z
#
_cell.length_a   103.950
_cell.length_b   51.892
_cell.length_c   93.367
_cell.angle_alpha   90.000
_cell.angle_beta   117.416
_cell.angle_gamma   90.000
#
_symmetry.space_group_name_H-M   'C 1 2 1'
#
loop_
_entity.id
_entity.type
_entity.pdbx_description
1 polymer Streptavidin
2 non-polymer 5-[(3~{a}~{S},4~{S},6~{a}~{R})-2-oxidanylidene-1,3,3~{a},4,6,6~{a}-hexahydrothieno[3,4-d]imidazol-4-yl]-~{N}-[2-[(5-methylpyridin-2-yl)methylamino]ethyl]pentanamide
3 non-polymer 'MANGANESE (II) ION'
4 non-polymer 'BROMIDE ION'
5 non-polymer GLYCEROL
6 water water
#
_entity_poly.entity_id   1
_entity_poly.type   'polypeptide(L)'
_entity_poly.pdbx_seq_one_letter_code
;MASMTGGQQMGRDEAGITGTWYNQLGSTFIVTAGADGALTGTYESAVGNAESRYVLTGRYDSAPATDGSGTALGWTVAWK
NNYRNAHSATTWSGQYVGGAEARINTQWLLTYGTTEANAWMSTLVGHDTFTKVKPSAASIDAAKKAGVNNGNPLDAVQQ
;
_entity_poly.pdbx_strand_id   A,B,C,D
#
loop_
_chem_comp.id
_chem_comp.type
_chem_comp.name
_chem_comp.formula
BR non-polymer 'BROMIDE ION' 'Br -1'
GOL non-polymer GLYCEROL 'C3 H8 O3'
MN non-polymer 'MANGANESE (II) ION' 'Mn 2'
X08 non-polymer 5-[(3~{a}~{S},4~{S},6~{a}~{R})-2-oxidanylidene-1,3,3~{a},4,6,6~{a}-hexahydrothieno[3,4-d]imidazol-4-yl]-~{N}-[2-[(5-methylpyridin-2-yl)methylamino]ethyl]pentanamide 'C19 H29 N5 O2 S'
#
# COMPACT_ATOMS: atom_id res chain seq x y z
N ASP A 13 12.49 -0.59 -24.83
CA ASP A 13 13.29 0.20 -23.89
C ASP A 13 14.41 -0.59 -23.23
N GLU A 14 14.98 -1.59 -23.91
CA GLU A 14 16.12 -2.28 -23.32
C GLU A 14 17.25 -1.28 -23.06
N ALA A 15 17.57 -0.45 -24.06
CA ALA A 15 18.65 0.52 -23.92
C ALA A 15 18.34 1.55 -22.83
N GLY A 16 17.11 2.06 -22.78
CA GLY A 16 16.71 2.99 -21.74
C GLY A 16 16.86 2.45 -20.32
N ILE A 17 16.21 1.32 -20.02
CA ILE A 17 16.19 0.84 -18.63
C ILE A 17 17.57 0.39 -18.18
N THR A 18 18.33 -0.27 -19.06
CA THR A 18 19.64 -0.78 -18.68
C THR A 18 20.57 0.36 -18.23
N GLY A 19 21.20 0.17 -17.08
CA GLY A 19 22.18 1.14 -16.61
C GLY A 19 22.17 1.22 -15.09
N THR A 20 22.71 2.33 -14.61
CA THR A 20 22.86 2.57 -13.19
C THR A 20 21.93 3.71 -12.75
N TRP A 21 21.10 3.42 -11.76
CA TRP A 21 20.06 4.32 -11.30
C TRP A 21 20.30 4.62 -9.83
N TYR A 22 19.89 5.81 -9.41
CA TYR A 22 19.95 6.23 -8.01
C TYR A 22 18.60 6.78 -7.56
N ASN A 23 18.17 6.41 -6.35
CA ASN A 23 16.91 6.93 -5.83
C ASN A 23 17.18 8.10 -4.88
N GLN A 24 16.08 8.64 -4.31
CA GLN A 24 16.15 9.84 -3.48
C GLN A 24 16.82 9.61 -2.12
N LEU A 25 17.06 8.35 -1.77
CA LEU A 25 17.83 8.00 -0.57
C LEU A 25 19.32 7.81 -0.85
N GLY A 26 19.72 7.82 -2.11
CA GLY A 26 21.09 7.53 -2.47
C GLY A 26 21.37 6.07 -2.71
N SER A 27 20.35 5.23 -2.80
CA SER A 27 20.58 3.81 -3.10
C SER A 27 20.91 3.64 -4.58
N THR A 28 21.69 2.60 -4.89
CA THR A 28 22.22 2.34 -6.23
C THR A 28 21.59 1.07 -6.78
N PHE A 29 20.98 1.18 -7.96
CA PHE A 29 20.20 0.15 -8.63
C PHE A 29 20.92 -0.08 -9.96
N ILE A 30 21.60 -1.21 -10.10
CA ILE A 30 22.33 -1.52 -11.33
C ILE A 30 21.58 -2.63 -12.03
N VAL A 31 21.15 -2.39 -13.26
CA VAL A 31 20.17 -3.27 -13.89
C VAL A 31 20.47 -3.46 -15.37
N THR A 32 20.25 -4.68 -15.85
CA THR A 32 20.22 -4.97 -17.27
C THR A 32 18.81 -5.45 -17.63
N ALA A 33 18.23 -4.82 -18.64
CA ALA A 33 16.99 -5.30 -19.25
C ALA A 33 17.30 -6.20 -20.44
N GLY A 34 16.89 -7.49 -20.34
CA GLY A 34 17.12 -8.45 -21.39
C GLY A 34 15.98 -8.53 -22.42
N ALA A 35 16.23 -9.26 -23.51
CA ALA A 35 15.27 -9.28 -24.62
C ALA A 35 13.90 -9.83 -24.17
N ASP A 36 13.92 -10.86 -23.33
CA ASP A 36 12.74 -11.63 -22.96
C ASP A 36 11.79 -10.88 -22.00
N GLY A 37 12.12 -9.66 -21.58
CA GLY A 37 11.39 -9.04 -20.50
C GLY A 37 12.02 -9.21 -19.13
N ALA A 38 13.26 -9.70 -19.06
CA ALA A 38 13.92 -9.93 -17.78
C ALA A 38 14.68 -8.70 -17.30
N LEU A 39 14.67 -8.48 -15.99
CA LEU A 39 15.55 -7.54 -15.31
C LEU A 39 16.48 -8.32 -14.40
N THR A 40 17.78 -8.04 -14.50
CA THR A 40 18.77 -8.67 -13.62
C THR A 40 19.72 -7.58 -13.16
N GLY A 41 20.30 -7.75 -11.98
CA GLY A 41 21.27 -6.75 -11.54
C GLY A 41 21.56 -6.83 -10.05
N THR A 42 21.93 -5.67 -9.50
CA THR A 42 22.26 -5.55 -8.09
C THR A 42 21.64 -4.28 -7.51
N TYR A 43 21.35 -4.35 -6.21
CA TYR A 43 20.77 -3.24 -5.45
C TYR A 43 21.67 -3.02 -4.24
N GLU A 44 22.02 -1.75 -4.01
CA GLU A 44 22.77 -1.37 -2.83
C GLU A 44 21.95 -0.29 -2.12
N SER A 45 21.43 -0.59 -0.95
CA SER A 45 20.64 0.38 -0.20
C SER A 45 21.52 1.30 0.63
N ALA A 46 21.22 2.60 0.56
CA ALA A 46 21.89 3.56 1.42
C ALA A 46 21.38 3.54 2.85
N VAL A 47 20.29 2.83 3.13
CA VAL A 47 19.62 2.88 4.43
C VAL A 47 19.21 1.47 4.82
N GLY A 48 18.92 1.31 6.11
CA GLY A 48 18.36 0.05 6.57
C GLY A 48 19.42 -0.98 6.93
N ASN A 49 18.94 -2.20 7.16
CA ASN A 49 19.81 -3.30 7.58
C ASN A 49 20.36 -3.94 6.32
N ALA A 50 21.36 -3.26 5.75
CA ALA A 50 21.88 -3.58 4.44
C ALA A 50 23.29 -3.05 4.30
N GLU A 51 24.07 -3.77 3.51
CA GLU A 51 25.48 -3.48 3.31
C GLU A 51 25.88 -4.05 1.96
N SER A 52 26.57 -3.25 1.14
CA SER A 52 27.09 -3.72 -0.14
C SER A 52 25.93 -4.12 -1.04
N ARG A 53 26.19 -4.96 -2.06
CA ARG A 53 25.21 -5.21 -3.11
C ARG A 53 24.43 -6.49 -2.89
N TYR A 54 23.18 -6.49 -3.38
CA TYR A 54 22.25 -7.61 -3.26
C TYR A 54 21.72 -7.95 -4.65
N VAL A 55 21.53 -9.24 -4.88
CA VAL A 55 21.01 -9.68 -6.16
C VAL A 55 19.59 -9.20 -6.32
N LEU A 56 19.25 -8.74 -7.53
CA LEU A 56 17.86 -8.46 -7.85
C LEU A 56 17.48 -9.16 -9.14
N THR A 57 16.20 -9.45 -9.23
CA THR A 57 15.60 -9.98 -10.45
C THR A 57 14.20 -9.39 -10.58
N GLY A 58 13.75 -9.23 -11.82
CA GLY A 58 12.42 -8.71 -12.06
C GLY A 58 12.03 -8.82 -13.52
N ARG A 59 10.97 -8.10 -13.89
CA ARG A 59 10.38 -8.21 -15.21
C ARG A 59 9.95 -6.82 -15.66
N TYR A 60 9.89 -6.62 -16.97
CA TYR A 60 9.34 -5.39 -17.54
C TYR A 60 8.57 -5.72 -18.81
N ASP A 61 7.67 -4.81 -19.18
CA ASP A 61 6.91 -4.89 -20.41
C ASP A 61 7.83 -4.56 -21.59
N SER A 62 8.17 -5.57 -22.39
CA SER A 62 9.14 -5.37 -23.47
C SER A 62 8.49 -4.79 -24.71
N ALA A 63 7.18 -4.60 -24.73
CA ALA A 63 6.48 -3.99 -25.87
C ALA A 63 5.49 -2.96 -25.37
N PRO A 64 5.99 -1.89 -24.75
CA PRO A 64 5.10 -0.91 -24.15
C PRO A 64 4.30 -0.15 -25.19
N ALA A 65 3.23 0.47 -24.72
CA ALA A 65 2.47 1.37 -25.58
C ALA A 65 3.32 2.58 -25.95
N THR A 66 3.12 3.08 -27.17
CA THR A 66 3.91 4.17 -27.75
C THR A 66 3.18 5.51 -27.69
N ASP A 67 2.16 5.62 -26.84
CA ASP A 67 1.31 6.80 -26.78
C ASP A 67 1.70 7.75 -25.65
N GLY A 68 2.95 7.71 -25.21
CA GLY A 68 3.41 8.52 -24.10
C GLY A 68 3.33 7.84 -22.75
N SER A 69 2.73 6.65 -22.68
CA SER A 69 2.64 5.91 -21.44
C SER A 69 4.00 5.35 -21.06
N GLY A 70 4.23 5.28 -19.75
CA GLY A 70 5.44 4.68 -19.24
C GLY A 70 5.44 3.17 -19.48
N THR A 71 6.55 2.57 -19.11
CA THR A 71 6.80 1.14 -19.28
C THR A 71 6.69 0.50 -17.91
N ALA A 72 5.72 -0.40 -17.74
CA ALA A 72 5.55 -1.07 -16.45
C ALA A 72 6.70 -2.03 -16.19
N LEU A 73 7.13 -2.09 -14.92
CA LEU A 73 8.18 -3.01 -14.51
C LEU A 73 8.10 -3.26 -13.02
N GLY A 74 8.87 -4.24 -12.57
CA GLY A 74 8.97 -4.52 -11.13
C GLY A 74 10.18 -5.42 -10.87
N TRP A 75 10.65 -5.35 -9.62
CA TRP A 75 11.76 -6.22 -9.25
C TRP A 75 11.75 -6.45 -7.75
N THR A 76 12.48 -7.50 -7.36
CA THR A 76 12.57 -7.96 -5.99
C THR A 76 14.04 -8.04 -5.57
N VAL A 77 14.27 -7.73 -4.31
CA VAL A 77 15.54 -7.94 -3.63
C VAL A 77 15.23 -8.69 -2.35
N ALA A 78 15.87 -9.84 -2.15
CA ALA A 78 15.94 -10.47 -0.83
C ALA A 78 17.21 -9.99 -0.14
N TRP A 79 17.08 -9.51 1.08
CA TRP A 79 18.15 -8.79 1.77
C TRP A 79 19.12 -9.74 2.47
N LYS A 80 19.64 -10.70 1.70
CA LYS A 80 20.67 -11.60 2.16
C LYS A 80 21.80 -11.55 1.15
N ASN A 81 23.02 -11.37 1.62
CA ASN A 81 24.19 -11.48 0.76
C ASN A 81 25.36 -11.98 1.61
N ASN A 82 26.58 -11.81 1.11
CA ASN A 82 27.75 -12.36 1.77
C ASN A 82 28.07 -11.69 3.10
N TYR A 83 27.45 -10.56 3.41
CA TYR A 83 27.76 -9.78 4.59
C TYR A 83 26.69 -9.82 5.66
N ARG A 84 25.43 -9.82 5.26
CA ARG A 84 24.31 -9.61 6.18
C ARG A 84 23.10 -10.38 5.68
N ASN A 85 22.25 -10.79 6.60
CA ASN A 85 20.93 -11.28 6.24
C ASN A 85 19.90 -10.58 7.12
N ALA A 86 19.05 -9.78 6.51
CA ALA A 86 18.02 -9.04 7.22
C ALA A 86 16.68 -9.72 7.22
N HIS A 87 16.59 -10.96 6.71
CA HIS A 87 15.37 -11.77 6.76
C HIS A 87 14.17 -11.01 6.24
N SER A 88 14.34 -10.39 5.06
CA SER A 88 13.30 -9.53 4.51
C SER A 88 13.49 -9.47 3.01
N ALA A 89 12.45 -9.00 2.33
CA ALA A 89 12.49 -8.80 0.88
C ALA A 89 11.69 -7.55 0.56
N THR A 90 12.14 -6.81 -0.44
CA THR A 90 11.41 -5.68 -0.96
C THR A 90 11.05 -5.95 -2.41
N THR A 91 9.83 -5.60 -2.79
CA THR A 91 9.49 -5.53 -4.21
C THR A 91 9.12 -4.10 -4.56
N TRP A 92 9.63 -3.66 -5.71
CA TRP A 92 9.29 -2.38 -6.31
C TRP A 92 8.40 -2.61 -7.51
N SER A 93 7.34 -1.83 -7.61
CA SER A 93 6.40 -1.85 -8.73
C SER A 93 6.31 -0.45 -9.30
N GLY A 94 6.49 -0.31 -10.60
CA GLY A 94 6.59 1.04 -11.11
C GLY A 94 6.58 1.15 -12.61
N GLN A 95 7.03 2.30 -13.08
CA GLN A 95 7.12 2.46 -14.50
C GLN A 95 8.31 3.34 -14.85
N TYR A 96 8.87 3.03 -15.99
CA TYR A 96 9.94 3.80 -16.60
C TYR A 96 9.33 4.85 -17.49
N VAL A 97 9.78 6.09 -17.32
CA VAL A 97 9.34 7.24 -18.10
C VAL A 97 10.56 7.76 -18.83
N GLY A 98 10.58 7.61 -20.17
CA GLY A 98 11.67 8.13 -20.95
C GLY A 98 11.60 9.65 -21.10
N GLY A 99 12.65 10.19 -21.71
CA GLY A 99 12.76 11.61 -21.95
C GLY A 99 14.12 12.15 -21.55
N ALA A 100 14.25 13.48 -21.68
CA ALA A 100 15.54 14.12 -21.40
C ALA A 100 16.03 13.79 -19.99
N GLU A 101 15.09 13.60 -19.05
CA GLU A 101 15.41 13.17 -17.70
C GLU A 101 14.64 11.86 -17.47
N ALA A 102 15.22 10.76 -17.92
CA ALA A 102 14.60 9.47 -17.71
C ALA A 102 14.44 9.21 -16.22
N ARG A 103 13.35 8.52 -15.88
CA ARG A 103 12.97 8.35 -14.48
C ARG A 103 12.26 7.02 -14.31
N ILE A 104 12.52 6.33 -13.20
CA ILE A 104 11.71 5.20 -12.80
C ILE A 104 11.02 5.58 -11.50
N ASN A 105 9.69 5.65 -11.54
CA ASN A 105 8.84 5.93 -10.39
C ASN A 105 8.23 4.66 -9.88
N THR A 106 8.41 4.38 -8.59
CA THR A 106 7.99 3.14 -7.98
C THR A 106 7.23 3.39 -6.68
N GLN A 107 6.43 2.39 -6.33
CA GLN A 107 6.03 2.11 -4.96
C GLN A 107 6.58 0.74 -4.57
N TRP A 108 6.84 0.54 -3.29
CA TRP A 108 7.47 -0.67 -2.85
C TRP A 108 6.80 -1.19 -1.59
N LEU A 109 6.98 -2.50 -1.41
CA LEU A 109 6.53 -3.25 -0.25
C LEU A 109 7.74 -4.00 0.28
N LEU A 110 8.04 -3.77 1.55
CA LEU A 110 9.10 -4.48 2.26
C LEU A 110 8.46 -5.37 3.30
N THR A 111 8.66 -6.68 3.16
CA THR A 111 8.16 -7.65 4.12
C THR A 111 9.35 -8.26 4.85
N TYR A 112 9.20 -8.46 6.15
CA TYR A 112 10.19 -9.17 6.94
C TYR A 112 9.51 -10.34 7.64
N GLY A 113 10.30 -11.39 7.86
CA GLY A 113 9.81 -12.62 8.45
C GLY A 113 9.32 -12.41 9.87
N THR A 114 8.10 -12.87 10.17
CA THR A 114 7.53 -12.73 11.49
C THR A 114 6.94 -14.05 11.94
N THR A 115 6.69 -14.15 13.25
CA THR A 115 5.77 -15.14 13.75
C THR A 115 4.36 -14.81 13.27
N GLU A 116 3.48 -15.78 13.40
CA GLU A 116 2.11 -15.54 12.94
C GLU A 116 1.43 -14.49 13.81
N ALA A 117 1.75 -14.46 15.11
CA ALA A 117 1.17 -13.45 16.00
C ALA A 117 1.51 -12.03 15.56
N ASN A 118 2.70 -11.82 14.99
CA ASN A 118 3.15 -10.48 14.62
C ASN A 118 3.03 -10.20 13.15
N ALA A 119 2.40 -11.08 12.38
CA ALA A 119 2.35 -10.89 10.93
C ALA A 119 1.59 -9.63 10.55
N TRP A 120 0.69 -9.15 11.40
CA TRP A 120 -0.01 -7.90 11.07
C TRP A 120 0.93 -6.72 10.88
N MET A 121 2.14 -6.77 11.46
CA MET A 121 3.10 -5.67 11.33
C MET A 121 4.31 -6.05 10.47
N SER A 122 4.11 -6.97 9.53
CA SER A 122 5.23 -7.49 8.75
C SER A 122 5.59 -6.69 7.49
N THR A 123 4.80 -5.68 7.08
CA THR A 123 4.98 -5.08 5.76
C THR A 123 4.96 -3.56 5.82
N LEU A 124 6.02 -2.96 5.32
CA LEU A 124 6.16 -1.52 5.14
C LEU A 124 5.86 -1.17 3.70
N VAL A 125 5.35 0.05 3.49
CA VAL A 125 5.06 0.53 2.15
C VAL A 125 5.72 1.88 1.96
N GLY A 126 6.22 2.12 0.75
CA GLY A 126 6.79 3.43 0.49
C GLY A 126 6.91 3.68 -1.00
N HIS A 127 7.66 4.72 -1.34
CA HIS A 127 7.86 5.08 -2.75
C HIS A 127 9.26 5.60 -3.01
N ASP A 128 9.86 5.17 -4.12
CA ASP A 128 11.19 5.58 -4.53
C ASP A 128 11.09 6.13 -5.96
N THR A 129 11.80 7.22 -6.24
CA THR A 129 12.02 7.66 -7.62
C THR A 129 13.50 7.60 -7.99
N PHE A 130 13.79 7.03 -9.16
CA PHE A 130 15.15 6.79 -9.61
C PHE A 130 15.47 7.66 -10.82
N THR A 131 16.70 8.15 -10.91
CA THR A 131 17.20 8.75 -12.13
C THR A 131 18.64 8.27 -12.33
N LYS A 132 19.20 8.57 -13.50
CA LYS A 132 20.56 8.16 -13.77
C LYS A 132 21.56 9.19 -13.26
N VAL A 133 21.09 10.22 -12.58
CA VAL A 133 21.96 11.29 -12.10
C VAL A 133 22.65 10.81 -10.82
N LYS A 134 23.97 10.72 -10.88
CA LYS A 134 24.82 10.56 -9.70
C LYS A 134 25.00 11.96 -9.11
N ASP B 13 11.72 -23.63 2.95
CA ASP B 13 12.90 -23.36 2.13
C ASP B 13 12.65 -23.94 0.74
N GLU B 14 13.69 -24.50 0.12
CA GLU B 14 13.63 -24.79 -1.31
C GLU B 14 12.49 -25.76 -1.63
N ALA B 15 12.45 -26.90 -0.95
CA ALA B 15 11.43 -27.89 -1.23
C ALA B 15 10.03 -27.41 -0.79
N GLY B 16 9.96 -26.66 0.30
CA GLY B 16 8.66 -26.23 0.80
C GLY B 16 7.98 -25.24 -0.13
N ILE B 17 8.77 -24.35 -0.76
CA ILE B 17 8.20 -23.32 -1.63
C ILE B 17 7.93 -23.87 -3.02
N THR B 18 8.81 -24.72 -3.52
CA THR B 18 8.66 -25.25 -4.89
C THR B 18 7.34 -26.01 -4.99
N GLY B 19 6.60 -25.70 -6.04
CA GLY B 19 5.36 -26.41 -6.29
C GLY B 19 4.31 -25.51 -6.90
N THR B 20 3.06 -25.92 -6.69
CA THR B 20 1.91 -25.33 -7.34
C THR B 20 1.03 -24.77 -6.24
N TRP B 21 0.75 -23.48 -6.31
CA TRP B 21 0.01 -22.78 -5.28
C TRP B 21 -1.22 -22.11 -5.90
N TYR B 22 -2.24 -21.91 -5.07
CA TYR B 22 -3.46 -21.27 -5.50
C TYR B 22 -3.82 -20.19 -4.51
N ASN B 23 -4.25 -19.04 -4.99
CA ASN B 23 -4.74 -18.01 -4.09
C ASN B 23 -6.27 -18.07 -4.01
N GLN B 24 -6.82 -17.15 -3.21
CA GLN B 24 -8.25 -17.11 -2.94
C GLN B 24 -9.07 -16.71 -4.17
N LEU B 25 -8.42 -16.20 -5.21
CA LEU B 25 -9.05 -15.82 -6.45
C LEU B 25 -9.09 -16.97 -7.44
N GLY B 26 -8.42 -18.08 -7.13
CA GLY B 26 -8.33 -19.19 -8.05
C GLY B 26 -7.18 -19.13 -9.01
N SER B 27 -6.30 -18.14 -8.87
CA SER B 27 -5.12 -17.99 -9.69
C SER B 27 -4.10 -19.06 -9.33
N THR B 28 -3.25 -19.37 -10.30
CA THR B 28 -2.33 -20.48 -10.19
C THR B 28 -0.90 -19.96 -10.25
N PHE B 29 -0.12 -20.28 -9.21
CA PHE B 29 1.24 -19.83 -9.02
C PHE B 29 2.12 -21.08 -9.02
N ILE B 30 2.88 -21.30 -10.10
CA ILE B 30 3.80 -22.43 -10.21
C ILE B 30 5.21 -21.90 -10.06
N VAL B 31 5.94 -22.40 -9.07
CA VAL B 31 7.21 -21.77 -8.74
C VAL B 31 8.24 -22.83 -8.41
N THR B 32 9.47 -22.51 -8.78
CA THR B 32 10.67 -23.30 -8.48
C THR B 32 11.61 -22.40 -7.68
N ALA B 33 12.00 -22.85 -6.48
CA ALA B 33 12.95 -22.13 -5.66
C ALA B 33 14.34 -22.76 -5.81
N GLY B 34 15.35 -21.91 -6.09
CA GLY B 34 16.73 -22.38 -6.16
C GLY B 34 17.44 -22.32 -4.81
N ALA B 35 18.54 -23.06 -4.71
CA ALA B 35 19.28 -23.11 -3.45
C ALA B 35 19.85 -21.74 -3.10
N ASP B 36 20.05 -20.90 -4.12
CA ASP B 36 20.68 -19.60 -4.05
C ASP B 36 19.73 -18.44 -3.78
N GLY B 37 18.42 -18.69 -3.57
CA GLY B 37 17.45 -17.64 -3.35
C GLY B 37 16.62 -17.24 -4.56
N ALA B 38 16.82 -17.86 -5.72
CA ALA B 38 16.02 -17.46 -6.86
C ALA B 38 14.63 -18.11 -6.84
N LEU B 39 13.66 -17.38 -7.37
CA LEU B 39 12.34 -17.90 -7.67
C LEU B 39 12.12 -17.74 -9.17
N THR B 40 11.66 -18.80 -9.82
CA THR B 40 11.26 -18.69 -11.22
C THR B 40 10.03 -19.55 -11.40
N GLY B 41 9.17 -19.15 -12.33
CA GLY B 41 8.07 -20.00 -12.73
C GLY B 41 7.07 -19.28 -13.60
N THR B 42 5.81 -19.65 -13.44
CA THR B 42 4.76 -19.05 -14.25
C THR B 42 3.58 -18.70 -13.36
N TYR B 43 2.82 -17.71 -13.80
CA TYR B 43 1.65 -17.28 -13.04
C TYR B 43 0.44 -17.24 -13.96
N GLU B 44 -0.66 -17.80 -13.51
CA GLU B 44 -1.91 -17.78 -14.26
C GLU B 44 -2.96 -17.07 -13.42
N SER B 45 -3.41 -15.91 -13.87
CA SER B 45 -4.43 -15.16 -13.15
C SER B 45 -5.84 -15.53 -13.61
N ALA B 46 -6.73 -15.70 -12.63
CA ALA B 46 -8.12 -16.01 -12.92
C ALA B 46 -8.98 -14.77 -13.16
N VAL B 47 -8.39 -13.58 -12.94
CA VAL B 47 -9.09 -12.31 -13.05
C VAL B 47 -8.20 -11.36 -13.83
N GLY B 48 -8.81 -10.29 -14.31
CA GLY B 48 -8.06 -9.20 -14.89
C GLY B 48 -7.77 -9.42 -16.36
N ASN B 49 -6.97 -8.49 -16.89
CA ASN B 49 -6.55 -8.55 -18.29
C ASN B 49 -5.42 -9.56 -18.43
N ALA B 50 -5.81 -10.84 -18.45
CA ALA B 50 -4.84 -11.93 -18.39
C ALA B 50 -5.44 -13.17 -19.02
N GLU B 51 -4.60 -13.91 -19.76
CA GLU B 51 -5.00 -15.16 -20.39
C GLU B 51 -3.79 -16.07 -20.39
N SER B 52 -3.97 -17.31 -19.93
CA SER B 52 -2.89 -18.29 -19.92
C SER B 52 -1.80 -17.88 -18.96
N ARG B 53 -0.56 -18.31 -19.23
CA ARG B 53 0.52 -18.25 -18.24
C ARG B 53 1.51 -17.14 -18.57
N TYR B 54 2.06 -16.53 -17.52
CA TYR B 54 3.00 -15.42 -17.61
C TYR B 54 4.27 -15.78 -16.85
N VAL B 55 5.42 -15.35 -17.38
CA VAL B 55 6.67 -15.60 -16.69
C VAL B 55 6.72 -14.82 -15.39
N LEU B 56 7.33 -15.42 -14.37
CA LEU B 56 7.60 -14.73 -13.13
C LEU B 56 9.02 -15.01 -12.67
N THR B 57 9.55 -14.06 -11.91
CA THR B 57 10.87 -14.25 -11.32
C THR B 57 10.85 -13.51 -9.99
N GLY B 58 11.64 -13.99 -9.04
CA GLY B 58 11.65 -13.37 -7.74
C GLY B 58 12.83 -13.87 -6.92
N ARG B 59 12.76 -13.54 -5.61
CA ARG B 59 13.81 -13.87 -4.67
C ARG B 59 13.18 -14.31 -3.36
N TYR B 60 13.88 -15.17 -2.64
CA TYR B 60 13.46 -15.50 -1.28
C TYR B 60 14.68 -15.56 -0.39
N ASP B 61 14.44 -15.39 0.91
CA ASP B 61 15.51 -15.52 1.90
C ASP B 61 15.84 -17.00 2.09
N SER B 62 17.03 -17.43 1.63
CA SER B 62 17.41 -18.84 1.62
C SER B 62 18.02 -19.31 2.93
N ALA B 63 18.09 -18.45 3.96
CA ALA B 63 18.56 -18.85 5.29
C ALA B 63 17.77 -18.05 6.32
N PRO B 64 16.51 -18.41 6.55
CA PRO B 64 15.66 -17.58 7.42
C PRO B 64 16.05 -17.71 8.87
N ALA B 65 15.43 -16.87 9.69
CA ALA B 65 15.74 -16.84 11.11
C ALA B 65 15.32 -18.17 11.74
N THR B 66 15.88 -18.45 12.91
CA THR B 66 15.71 -19.74 13.57
C THR B 66 14.72 -19.67 14.74
N ASP B 67 13.83 -18.70 14.74
CA ASP B 67 12.87 -18.50 15.83
C ASP B 67 11.44 -18.84 15.44
N GLY B 68 11.24 -19.57 14.34
CA GLY B 68 9.92 -19.93 13.89
C GLY B 68 9.23 -18.92 13.02
N SER B 69 9.91 -17.88 12.61
CA SER B 69 9.24 -16.89 11.78
C SER B 69 9.23 -17.32 10.33
N GLY B 70 8.43 -16.63 9.54
CA GLY B 70 8.28 -16.94 8.15
C GLY B 70 9.48 -16.55 7.33
N THR B 71 9.44 -16.99 6.09
CA THR B 71 10.50 -16.79 5.12
C THR B 71 10.08 -15.69 4.16
N ALA B 72 10.80 -14.57 4.15
CA ALA B 72 10.44 -13.45 3.29
C ALA B 72 10.72 -13.75 1.83
N LEU B 73 9.83 -13.28 0.95
CA LEU B 73 10.00 -13.51 -0.47
C LEU B 73 9.20 -12.47 -1.24
N GLY B 74 9.46 -12.42 -2.54
CA GLY B 74 8.71 -11.56 -3.45
C GLY B 74 8.90 -12.02 -4.87
N TRP B 75 7.98 -11.61 -5.74
CA TRP B 75 8.16 -11.89 -7.14
C TRP B 75 7.37 -10.87 -7.97
N THR B 76 7.69 -10.88 -9.27
CA THR B 76 7.13 -9.99 -10.28
C THR B 76 6.61 -10.79 -11.47
N VAL B 77 5.46 -10.33 -11.94
CA VAL B 77 4.92 -10.72 -13.24
C VAL B 77 4.72 -9.46 -14.07
N ALA B 78 5.25 -9.48 -15.29
CA ALA B 78 4.87 -8.48 -16.29
C ALA B 78 3.81 -9.16 -17.15
N TRP B 79 2.68 -8.48 -17.30
CA TRP B 79 1.51 -9.09 -17.93
C TRP B 79 1.55 -9.03 -19.45
N LYS B 80 2.64 -9.51 -20.01
CA LYS B 80 2.80 -9.70 -21.44
C LYS B 80 3.15 -11.15 -21.70
N ASN B 81 2.43 -11.78 -22.60
CA ASN B 81 2.81 -13.10 -23.10
C ASN B 81 2.41 -13.15 -24.56
N ASN B 82 2.35 -14.35 -25.14
CA ASN B 82 2.14 -14.44 -26.57
C ASN B 82 0.73 -14.07 -26.95
N TYR B 83 -0.19 -14.06 -25.98
CA TYR B 83 -1.61 -13.88 -26.28
C TYR B 83 -2.14 -12.51 -25.90
N ARG B 84 -1.57 -11.88 -24.90
CA ARG B 84 -2.05 -10.57 -24.50
C ARG B 84 -0.96 -9.73 -23.88
N ASN B 85 -1.07 -8.41 -24.05
CA ASN B 85 -0.25 -7.45 -23.33
C ASN B 85 -1.15 -6.46 -22.60
N ALA B 86 -1.08 -6.45 -21.26
CA ALA B 86 -1.87 -5.57 -20.43
C ALA B 86 -1.06 -4.35 -19.98
N HIS B 87 0.16 -4.20 -20.50
CA HIS B 87 1.00 -3.05 -20.23
C HIS B 87 1.09 -2.74 -18.73
N SER B 88 1.43 -3.77 -17.95
CA SER B 88 1.38 -3.64 -16.50
C SER B 88 2.25 -4.71 -15.86
N ALA B 89 2.58 -4.49 -14.59
CA ALA B 89 3.33 -5.46 -13.81
C ALA B 89 2.78 -5.51 -12.41
N THR B 90 2.81 -6.70 -11.82
CA THR B 90 2.45 -6.89 -10.43
C THR B 90 3.65 -7.43 -9.68
N THR B 91 3.90 -6.88 -8.48
CA THR B 91 4.84 -7.51 -7.58
C THR B 91 4.12 -7.93 -6.31
N TRP B 92 4.48 -9.11 -5.82
CA TRP B 92 3.97 -9.69 -4.58
C TRP B 92 5.11 -9.71 -3.57
N SER B 93 4.84 -9.25 -2.36
CA SER B 93 5.81 -9.28 -1.25
C SER B 93 5.16 -9.97 -0.06
N GLY B 94 5.84 -10.96 0.52
CA GLY B 94 5.20 -11.66 1.62
C GLY B 94 6.12 -12.62 2.33
N GLN B 95 5.50 -13.59 3.01
CA GLN B 95 6.29 -14.62 3.64
C GLN B 95 5.62 -15.98 3.48
N TYR B 96 6.50 -16.99 3.36
CA TYR B 96 6.13 -18.38 3.33
C TYR B 96 6.13 -18.90 4.75
N VAL B 97 5.03 -19.56 5.14
CA VAL B 97 4.85 -20.10 6.47
C VAL B 97 4.68 -21.59 6.31
N GLY B 98 5.66 -22.36 6.74
CA GLY B 98 5.58 -23.80 6.66
C GLY B 98 4.66 -24.35 7.73
N GLY B 99 4.56 -25.67 7.76
CA GLY B 99 3.67 -26.35 8.67
C GLY B 99 2.86 -27.38 7.94
N ALA B 100 1.97 -28.03 8.70
CA ALA B 100 1.11 -29.05 8.12
C ALA B 100 0.36 -28.52 6.90
N GLU B 101 -0.15 -27.29 6.98
CA GLU B 101 -0.79 -26.62 5.86
C GLU B 101 0.01 -25.36 5.59
N ALA B 102 0.94 -25.48 4.65
CA ALA B 102 1.78 -24.38 4.26
C ALA B 102 0.97 -23.28 3.60
N ARG B 103 1.47 -22.06 3.74
CA ARG B 103 0.80 -20.87 3.23
C ARG B 103 1.86 -19.88 2.77
N ILE B 104 1.55 -19.12 1.73
CA ILE B 104 2.31 -17.93 1.38
C ILE B 104 1.37 -16.74 1.51
N ASN B 105 1.67 -15.83 2.42
CA ASN B 105 0.83 -14.65 2.66
C ASN B 105 1.49 -13.42 2.05
N THR B 106 0.76 -12.70 1.19
CA THR B 106 1.38 -11.63 0.43
C THR B 106 0.50 -10.39 0.43
N GLN B 107 1.15 -9.28 0.10
CA GLN B 107 0.55 -8.02 -0.30
C GLN B 107 1.09 -7.76 -1.70
N TRP B 108 0.34 -7.08 -2.55
CA TRP B 108 0.85 -6.87 -3.88
C TRP B 108 0.57 -5.46 -4.36
N LEU B 109 1.38 -5.04 -5.34
CA LEU B 109 1.21 -3.80 -6.05
C LEU B 109 1.19 -4.06 -7.55
N LEU B 110 0.20 -3.50 -8.22
CA LEU B 110 0.03 -3.65 -9.66
C LEU B 110 0.13 -2.27 -10.28
N THR B 111 1.16 -2.04 -11.10
CA THR B 111 1.33 -0.76 -11.78
C THR B 111 1.04 -0.98 -13.26
N TYR B 112 0.25 -0.09 -13.86
CA TYR B 112 0.06 -0.12 -15.31
C TYR B 112 0.62 1.17 -15.91
N GLY B 113 1.03 1.11 -17.16
CA GLY B 113 1.65 2.28 -17.78
C GLY B 113 0.65 3.41 -18.00
N THR B 114 1.02 4.62 -17.57
CA THR B 114 0.16 5.78 -17.71
C THR B 114 0.97 6.95 -18.27
N THR B 115 0.26 7.95 -18.75
CA THR B 115 0.85 9.25 -18.95
C THR B 115 1.20 9.86 -17.60
N GLU B 116 1.97 10.95 -17.60
CA GLU B 116 2.30 11.57 -16.32
C GLU B 116 1.08 12.23 -15.69
N ALA B 117 0.19 12.81 -16.50
CA ALA B 117 -1.04 13.39 -15.96
C ALA B 117 -1.80 12.36 -15.14
N ASN B 118 -1.78 11.09 -15.55
CA ASN B 118 -2.57 10.05 -14.91
C ASN B 118 -1.77 9.17 -13.97
N ALA B 119 -0.51 9.52 -13.68
CA ALA B 119 0.34 8.64 -12.86
C ALA B 119 -0.27 8.41 -11.48
N TRP B 120 -1.05 9.38 -10.98
CA TRP B 120 -1.59 9.27 -9.62
C TRP B 120 -2.50 8.05 -9.48
N MET B 121 -3.10 7.59 -10.57
CA MET B 121 -4.03 6.46 -10.51
C MET B 121 -3.43 5.18 -11.14
N SER B 122 -2.10 5.05 -11.11
CA SER B 122 -1.42 3.99 -11.84
C SER B 122 -1.18 2.73 -11.03
N THR B 123 -1.52 2.71 -9.74
CA THR B 123 -1.12 1.58 -8.89
C THR B 123 -2.25 1.10 -7.98
N LEU B 124 -2.59 -0.19 -8.14
CA LEU B 124 -3.53 -0.95 -7.32
C LEU B 124 -2.77 -1.70 -6.23
N VAL B 125 -3.39 -1.83 -5.06
CA VAL B 125 -2.83 -2.58 -3.93
C VAL B 125 -3.84 -3.63 -3.46
N GLY B 126 -3.32 -4.79 -3.09
CA GLY B 126 -4.17 -5.84 -2.57
C GLY B 126 -3.36 -6.84 -1.76
N HIS B 127 -4.02 -7.96 -1.45
CA HIS B 127 -3.39 -9.01 -0.66
C HIS B 127 -3.88 -10.37 -1.16
N ASP B 128 -2.96 -11.30 -1.29
CA ASP B 128 -3.24 -12.65 -1.76
C ASP B 128 -2.69 -13.65 -0.75
N THR B 129 -3.46 -14.68 -0.43
CA THR B 129 -2.94 -15.80 0.36
C THR B 129 -2.97 -17.06 -0.49
N PHE B 130 -1.82 -17.71 -0.60
CA PHE B 130 -1.67 -18.91 -1.39
C PHE B 130 -1.62 -20.17 -0.52
N THR B 131 -2.33 -21.20 -0.94
CA THR B 131 -2.27 -22.52 -0.31
C THR B 131 -2.06 -23.60 -1.39
N LYS B 132 -1.81 -24.83 -0.96
CA LYS B 132 -1.50 -25.90 -1.92
C LYS B 132 -2.73 -26.66 -2.38
N VAL B 133 -3.93 -26.13 -2.17
CA VAL B 133 -5.13 -26.79 -2.66
C VAL B 133 -6.18 -25.85 -3.30
N ASP C 13 1.26 20.38 15.57
CA ASP C 13 0.54 21.25 16.49
C ASP C 13 -0.70 21.93 15.84
N GLU C 14 -1.57 22.48 16.69
CA GLU C 14 -2.83 23.06 16.24
C GLU C 14 -2.63 24.10 15.15
N ALA C 15 -1.89 25.16 15.45
CA ALA C 15 -1.74 26.23 14.49
C ALA C 15 -0.81 25.83 13.36
N GLY C 16 0.04 24.83 13.59
CA GLY C 16 0.88 24.33 12.52
C GLY C 16 0.09 23.65 11.42
N ILE C 17 -0.88 22.84 11.80
CA ILE C 17 -1.65 22.06 10.81
C ILE C 17 -2.79 22.88 10.24
N THR C 18 -3.46 23.67 11.07
CA THR C 18 -4.60 24.45 10.62
C THR C 18 -4.22 25.38 9.47
N GLY C 19 -5.00 25.33 8.40
CA GLY C 19 -4.82 26.23 7.29
C GLY C 19 -5.13 25.53 5.99
N THR C 20 -4.57 26.09 4.92
CA THR C 20 -4.81 25.66 3.56
C THR C 20 -3.53 25.06 2.99
N TRP C 21 -3.64 23.85 2.48
CA TRP C 21 -2.51 23.08 1.96
C TRP C 21 -2.81 22.63 0.54
N TYR C 22 -1.75 22.48 -0.25
CA TYR C 22 -1.83 22.09 -1.66
C TYR C 22 -0.91 20.91 -1.90
N ASN C 23 -1.36 19.94 -2.72
CA ASN C 23 -0.48 18.83 -3.02
C ASN C 23 0.09 18.98 -4.42
N GLN C 24 0.90 17.99 -4.83
CA GLN C 24 1.61 18.06 -6.11
C GLN C 24 0.68 17.97 -7.31
N LEU C 25 -0.58 17.56 -7.10
CA LEU C 25 -1.56 17.53 -8.18
C LEU C 25 -2.32 18.83 -8.31
N GLY C 26 -2.18 19.74 -7.34
CA GLY C 26 -2.99 20.94 -7.32
C GLY C 26 -4.24 20.84 -6.49
N SER C 27 -4.42 19.74 -5.75
CA SER C 27 -5.59 19.59 -4.91
C SER C 27 -5.45 20.49 -3.68
N THR C 28 -6.59 20.90 -3.12
CA THR C 28 -6.63 21.86 -2.02
C THR C 28 -7.22 21.19 -0.78
N PHE C 29 -6.48 21.25 0.32
CA PHE C 29 -6.78 20.59 1.60
C PHE C 29 -6.97 21.71 2.63
N ILE C 30 -8.21 22.02 3.01
CA ILE C 30 -8.46 23.07 3.99
C ILE C 30 -8.82 22.38 5.29
N VAL C 31 -8.02 22.58 6.32
CA VAL C 31 -8.15 21.79 7.53
C VAL C 31 -8.07 22.66 8.78
N THR C 32 -8.84 22.27 9.80
CA THR C 32 -8.77 22.86 11.12
C THR C 32 -8.43 21.74 12.10
N ALA C 33 -7.39 21.95 12.90
CA ALA C 33 -6.98 20.99 13.91
C ALA C 33 -7.51 21.46 15.26
N GLY C 34 -8.33 20.62 15.90
CA GLY C 34 -8.83 20.92 17.22
C GLY C 34 -7.83 20.59 18.33
N ALA C 35 -8.11 21.12 19.52
CA ALA C 35 -7.18 21.01 20.64
C ALA C 35 -6.96 19.56 21.07
N ASP C 36 -7.97 18.70 20.91
CA ASP C 36 -7.87 17.33 21.41
C ASP C 36 -7.76 16.29 20.30
N GLY C 37 -7.22 16.65 19.14
CA GLY C 37 -6.89 15.68 18.12
C GLY C 37 -7.78 15.62 16.90
N ALA C 38 -8.78 16.49 16.79
CA ALA C 38 -9.72 16.42 15.68
C ALA C 38 -9.19 17.16 14.45
N LEU C 39 -9.42 16.57 13.28
CA LEU C 39 -9.28 17.27 12.00
C LEU C 39 -10.65 17.36 11.36
N THR C 40 -10.98 18.54 10.87
CA THR C 40 -12.23 18.76 10.16
C THR C 40 -11.93 19.72 9.02
N GLY C 41 -12.75 19.71 7.98
CA GLY C 41 -12.48 20.64 6.90
C GLY C 41 -13.02 20.14 5.58
N THR C 42 -12.37 20.58 4.50
CA THR C 42 -12.81 20.20 3.15
C THR C 42 -11.63 19.91 2.25
N TYR C 43 -11.90 19.09 1.24
CA TYR C 43 -10.91 18.69 0.25
C TYR C 43 -11.44 19.01 -1.14
N GLU C 44 -10.59 19.56 -2.00
CA GLU C 44 -10.92 19.79 -3.40
C GLU C 44 -9.85 19.06 -4.24
N SER C 45 -10.27 18.02 -4.99
CA SER C 45 -9.31 17.30 -5.82
C SER C 45 -9.21 17.94 -7.21
N ALA C 46 -7.97 18.07 -7.68
CA ALA C 46 -7.71 18.57 -9.03
C ALA C 46 -7.86 17.49 -10.10
N VAL C 47 -8.08 16.22 -9.70
CA VAL C 47 -8.09 15.09 -10.63
C VAL C 47 -9.21 14.14 -10.24
N GLY C 48 -9.54 13.24 -11.17
CA GLY C 48 -10.49 12.18 -10.88
C GLY C 48 -11.93 12.64 -10.99
N ASN C 49 -12.82 11.78 -10.49
CA ASN C 49 -14.26 12.02 -10.59
C ASN C 49 -14.71 12.82 -9.38
N ALA C 50 -14.46 14.12 -9.46
CA ALA C 50 -14.62 15.03 -8.33
C ALA C 50 -14.86 16.43 -8.84
N GLU C 51 -15.64 17.20 -8.08
CA GLU C 51 -15.96 18.57 -8.44
C GLU C 51 -16.24 19.30 -7.14
N SER C 52 -15.67 20.49 -6.99
CA SER C 52 -15.94 21.33 -5.80
C SER C 52 -15.39 20.64 -4.55
N ARG C 53 -15.98 20.98 -3.39
CA ARG C 53 -15.42 20.59 -2.11
C ARG C 53 -16.17 19.41 -1.50
N TYR C 54 -15.40 18.57 -0.81
CA TYR C 54 -15.89 17.42 -0.10
C TYR C 54 -15.54 17.54 1.38
N VAL C 55 -16.45 17.12 2.24
CA VAL C 55 -16.16 17.07 3.67
C VAL C 55 -15.04 16.10 3.95
N LEU C 56 -14.11 16.50 4.82
CA LEU C 56 -13.14 15.55 5.36
C LEU C 56 -13.19 15.57 6.88
N THR C 57 -12.79 14.44 7.45
CA THR C 57 -12.61 14.37 8.90
C THR C 57 -11.41 13.48 9.17
N GLY C 58 -10.72 13.76 10.28
CA GLY C 58 -9.59 12.94 10.64
C GLY C 58 -9.16 13.15 12.09
N ARG C 59 -7.95 12.65 12.37
CA ARG C 59 -7.38 12.70 13.71
C ARG C 59 -5.89 12.94 13.58
N TYR C 60 -5.33 13.61 14.58
CA TYR C 60 -3.87 13.77 14.63
C TYR C 60 -3.42 13.62 16.06
N ASP C 61 -2.11 13.33 16.21
CA ASP C 61 -1.52 13.20 17.53
C ASP C 61 -1.33 14.59 18.13
N SER C 62 -2.11 14.91 19.14
CA SER C 62 -2.10 16.26 19.71
C SER C 62 -1.05 16.44 20.77
N ALA C 63 -0.20 15.44 21.02
CA ALA C 63 0.92 15.59 21.95
C ALA C 63 2.14 14.87 21.37
N PRO C 64 2.70 15.38 20.27
CA PRO C 64 3.75 14.63 19.58
C PRO C 64 5.05 14.68 20.38
N ALA C 65 5.94 13.79 19.97
CA ALA C 65 7.28 13.77 20.53
C ALA C 65 7.97 15.08 20.19
N THR C 66 8.93 15.45 21.03
CA THR C 66 9.65 16.70 20.84
C THR C 66 11.11 16.31 20.64
N ASP C 67 11.33 15.31 19.78
CA ASP C 67 12.65 14.74 19.54
C ASP C 67 13.04 14.84 18.06
N GLY C 68 12.38 15.73 17.32
CA GLY C 68 12.62 15.86 15.90
C GLY C 68 11.70 15.07 15.02
N SER C 69 10.81 14.26 15.58
CA SER C 69 9.94 13.46 14.77
C SER C 69 8.73 14.27 14.30
N GLY C 70 8.14 13.81 13.21
CA GLY C 70 6.90 14.36 12.74
C GLY C 70 5.70 14.02 13.61
N THR C 71 4.59 14.64 13.26
CA THR C 71 3.32 14.50 13.98
C THR C 71 2.40 13.63 13.14
N ALA C 72 2.05 12.45 13.65
CA ALA C 72 1.23 11.53 12.88
C ALA C 72 -0.20 12.03 12.76
N LEU C 73 -0.81 11.73 11.61
CA LEU C 73 -2.18 12.20 11.34
C LEU C 73 -2.78 11.39 10.21
N GLY C 74 -4.10 11.50 10.09
CA GLY C 74 -4.75 10.94 8.93
C GLY C 74 -6.14 11.48 8.78
N TRP C 75 -6.70 11.33 7.58
CA TRP C 75 -8.06 11.82 7.36
C TRP C 75 -8.69 11.05 6.19
N THR C 76 -10.02 11.17 6.11
CA THR C 76 -10.82 10.46 5.12
C THR C 76 -11.69 11.47 4.36
N VAL C 77 -11.83 11.24 3.06
CA VAL C 77 -12.85 11.89 2.23
C VAL C 77 -13.69 10.82 1.55
N ALA C 78 -15.01 10.93 1.66
CA ALA C 78 -15.94 10.19 0.82
C ALA C 78 -16.33 11.08 -0.34
N TRP C 79 -16.16 10.57 -1.57
CA TRP C 79 -16.35 11.37 -2.79
C TRP C 79 -17.81 11.54 -3.20
N LYS C 80 -18.59 12.11 -2.27
CA LYS C 80 -20.01 12.46 -2.43
C LYS C 80 -20.20 13.86 -1.85
N ASN C 81 -20.72 14.78 -2.67
CA ASN C 81 -21.20 16.06 -2.17
C ASN C 81 -22.49 16.34 -2.94
N ASN C 82 -22.89 17.61 -3.01
CA ASN C 82 -24.15 17.91 -3.69
C ASN C 82 -24.00 18.04 -5.20
N TYR C 83 -22.79 18.02 -5.72
CA TYR C 83 -22.57 18.04 -7.16
C TYR C 83 -22.50 16.64 -7.75
N ARG C 84 -22.04 15.65 -6.96
CA ARG C 84 -21.52 14.43 -7.57
C ARG C 84 -21.33 13.34 -6.54
N ASN C 85 -21.48 12.07 -6.97
CA ASN C 85 -21.13 10.91 -6.15
C ASN C 85 -20.30 9.92 -6.97
N ALA C 86 -19.08 9.66 -6.52
CA ALA C 86 -18.13 8.79 -7.18
C ALA C 86 -18.01 7.43 -6.50
N HIS C 87 -18.86 7.14 -5.52
CA HIS C 87 -18.94 5.82 -4.90
C HIS C 87 -17.54 5.35 -4.50
N SER C 88 -16.86 6.23 -3.77
CA SER C 88 -15.49 5.95 -3.37
C SER C 88 -15.11 6.80 -2.18
N ALA C 89 -13.98 6.42 -1.59
CA ALA C 89 -13.45 7.13 -0.45
C ALA C 89 -11.93 6.98 -0.46
N THR C 90 -11.27 8.01 0.01
CA THR C 90 -9.82 8.04 0.15
C THR C 90 -9.47 8.32 1.59
N THR C 91 -8.46 7.60 2.08
CA THR C 91 -7.84 7.90 3.36
C THR C 91 -6.38 8.23 3.14
N TRP C 92 -5.92 9.27 3.85
CA TRP C 92 -4.52 9.67 3.83
C TRP C 92 -3.92 9.41 5.20
N SER C 93 -2.71 8.87 5.24
CA SER C 93 -2.03 8.57 6.50
C SER C 93 -0.64 9.15 6.35
N GLY C 94 -0.22 10.01 7.28
CA GLY C 94 1.09 10.60 7.10
C GLY C 94 1.55 11.33 8.34
N GLN C 95 2.45 12.27 8.12
CA GLN C 95 2.95 13.05 9.22
C GLN C 95 3.18 14.50 8.80
N TYR C 96 2.89 15.40 9.73
CA TYR C 96 3.16 16.81 9.59
C TYR C 96 4.58 17.07 10.06
N VAL C 97 5.36 17.78 9.23
CA VAL C 97 6.75 18.09 9.54
C VAL C 97 6.86 19.60 9.57
N GLY C 98 7.18 20.15 10.74
CA GLY C 98 7.23 21.58 10.90
C GLY C 98 8.54 22.16 10.41
N GLY C 99 8.65 23.46 10.55
CA GLY C 99 9.85 24.21 10.20
C GLY C 99 9.56 25.27 9.15
N ALA C 100 10.64 25.84 8.62
CA ALA C 100 10.52 27.00 7.73
C ALA C 100 9.55 26.72 6.58
N GLU C 101 9.71 25.57 5.91
CA GLU C 101 8.79 25.12 4.88
C GLU C 101 8.08 23.88 5.42
N ALA C 102 6.92 24.11 6.05
CA ALA C 102 6.15 23.00 6.58
C ALA C 102 5.62 22.09 5.48
N ARG C 103 5.53 20.82 5.81
CA ARG C 103 5.06 19.82 4.87
C ARG C 103 4.19 18.81 5.58
N ILE C 104 3.21 18.26 4.86
CA ILE C 104 2.53 17.05 5.30
C ILE C 104 2.83 15.98 4.25
N ASN C 105 3.46 14.90 4.69
CA ASN C 105 3.84 13.79 3.81
C ASN C 105 2.92 12.64 4.08
N THR C 106 2.23 12.17 3.03
CA THR C 106 1.22 11.13 3.14
C THR C 106 1.39 10.03 2.09
N GLN C 107 0.83 8.87 2.44
CA GLN C 107 0.43 7.84 1.48
C GLN C 107 -1.08 7.73 1.61
N TRP C 108 -1.73 7.24 0.57
CA TRP C 108 -3.18 7.18 0.61
C TRP C 108 -3.69 5.89 -0.01
N LEU C 109 -4.94 5.57 0.34
CA LEU C 109 -5.65 4.43 -0.21
C LEU C 109 -7.00 4.91 -0.69
N LEU C 110 -7.31 4.66 -1.93
CA LEU C 110 -8.59 5.04 -2.53
C LEU C 110 -9.32 3.75 -2.86
N THR C 111 -10.47 3.54 -2.22
CA THR C 111 -11.31 2.38 -2.45
C THR C 111 -12.59 2.84 -3.12
N TYR C 112 -13.01 2.12 -4.15
CA TYR C 112 -14.30 2.39 -4.77
C TYR C 112 -15.16 1.14 -4.65
N GLY C 113 -16.48 1.36 -4.62
CA GLY C 113 -17.42 0.27 -4.46
C GLY C 113 -17.37 -0.73 -5.60
N THR C 114 -17.27 -2.02 -5.28
CA THR C 114 -17.26 -3.06 -6.31
C THR C 114 -18.17 -4.21 -5.91
N THR C 115 -18.46 -5.07 -6.89
CA THR C 115 -18.98 -6.39 -6.56
C THR C 115 -17.90 -7.22 -5.86
N GLU C 116 -18.35 -8.28 -5.20
CA GLU C 116 -17.41 -9.14 -4.46
C GLU C 116 -16.41 -9.82 -5.40
N ALA C 117 -16.89 -10.22 -6.58
CA ALA C 117 -16.00 -10.80 -7.59
C ALA C 117 -14.94 -9.81 -8.08
N ASN C 118 -15.22 -8.50 -8.05
CA ASN C 118 -14.23 -7.51 -8.46
C ASN C 118 -13.54 -6.81 -7.28
N ALA C 119 -13.74 -7.29 -6.05
CA ALA C 119 -13.15 -6.61 -4.92
C ALA C 119 -11.62 -6.56 -5.00
N TRP C 120 -11.01 -7.50 -5.71
CA TRP C 120 -9.54 -7.54 -5.81
C TRP C 120 -8.98 -6.29 -6.47
N MET C 121 -9.76 -5.61 -7.33
CA MET C 121 -9.30 -4.40 -7.99
C MET C 121 -9.93 -3.13 -7.43
N SER C 122 -10.30 -3.14 -6.14
CA SER C 122 -11.07 -2.06 -5.55
C SER C 122 -10.25 -0.89 -4.98
N THR C 123 -8.94 -1.04 -4.78
CA THR C 123 -8.16 -0.09 -3.98
C THR C 123 -6.89 0.34 -4.70
N LEU C 124 -6.77 1.66 -4.93
CA LEU C 124 -5.59 2.34 -5.44
C LEU C 124 -4.70 2.80 -4.29
N VAL C 125 -3.40 2.91 -4.57
CA VAL C 125 -2.44 3.41 -3.59
C VAL C 125 -1.59 4.48 -4.25
N GLY C 126 -1.22 5.46 -3.44
CA GLY C 126 -0.41 6.56 -3.94
C GLY C 126 0.19 7.35 -2.80
N HIS C 127 0.81 8.46 -3.15
CA HIS C 127 1.45 9.30 -2.15
C HIS C 127 1.25 10.76 -2.55
N ASP C 128 0.95 11.58 -1.56
CA ASP C 128 0.75 13.01 -1.77
C ASP C 128 1.59 13.77 -0.75
N THR C 129 2.24 14.82 -1.19
CA THR C 129 2.96 15.71 -0.29
C THR C 129 2.28 17.07 -0.38
N PHE C 130 1.94 17.62 0.77
CA PHE C 130 1.23 18.89 0.87
C PHE C 130 2.14 19.96 1.41
N THR C 131 2.09 21.13 0.77
CA THR C 131 2.76 22.32 1.28
C THR C 131 1.82 23.54 1.18
N LYS C 132 2.35 24.69 1.56
CA LYS C 132 1.56 25.93 1.52
C LYS C 132 1.59 26.63 0.17
N VAL C 133 2.29 26.11 -0.84
CA VAL C 133 2.47 26.79 -2.12
C VAL C 133 1.69 26.07 -3.23
N LYS C 134 1.16 26.87 -4.16
CA LYS C 134 0.34 26.46 -5.33
C LYS C 134 -1.12 26.29 -4.93
N ARG D 12 -28.55 4.49 3.40
CA ARG D 12 -29.11 3.18 3.05
C ARG D 12 -28.53 2.13 3.98
N ASP D 13 -27.21 2.19 4.10
CA ASP D 13 -26.45 1.30 4.97
C ASP D 13 -26.24 1.92 6.33
N GLU D 14 -26.95 3.00 6.65
CA GLU D 14 -26.72 3.67 7.93
C GLU D 14 -26.83 2.68 9.08
N ALA D 15 -27.95 1.94 9.13
CA ALA D 15 -28.15 0.99 10.22
C ALA D 15 -27.23 -0.24 10.08
N GLY D 16 -26.93 -0.66 8.86
CA GLY D 16 -26.03 -1.80 8.67
C GLY D 16 -24.61 -1.53 9.17
N ILE D 17 -24.06 -0.35 8.83
CA ILE D 17 -22.71 0.00 9.27
C ILE D 17 -22.68 0.23 10.77
N THR D 18 -23.70 0.91 11.31
CA THR D 18 -23.73 1.22 12.74
C THR D 18 -23.77 -0.08 13.56
N GLY D 19 -22.90 -0.16 14.57
CA GLY D 19 -22.88 -1.30 15.46
C GLY D 19 -21.46 -1.59 15.90
N THR D 20 -21.25 -2.80 16.41
CA THR D 20 -19.96 -3.22 16.95
C THR D 20 -19.38 -4.32 16.07
N TRP D 21 -18.14 -4.08 15.62
CA TRP D 21 -17.45 -4.91 14.69
C TRP D 21 -16.17 -5.47 15.31
N TYR D 22 -15.76 -6.66 14.84
CA TYR D 22 -14.51 -7.28 15.26
C TYR D 22 -13.72 -7.71 14.04
N ASN D 23 -12.41 -7.57 14.10
CA ASN D 23 -11.56 -8.01 13.01
C ASN D 23 -10.85 -9.30 13.42
N GLN D 24 -9.98 -9.76 12.54
CA GLN D 24 -9.37 -11.07 12.69
C GLN D 24 -8.27 -11.09 13.75
N LEU D 25 -7.85 -9.93 14.25
CA LEU D 25 -6.94 -9.80 15.36
C LEU D 25 -7.66 -9.77 16.71
N GLY D 26 -8.98 -9.62 16.71
CA GLY D 26 -9.72 -9.48 17.95
C GLY D 26 -9.95 -8.05 18.38
N SER D 27 -9.59 -7.08 17.54
CA SER D 27 -9.84 -5.67 17.81
C SER D 27 -11.33 -5.35 17.67
N THR D 28 -11.78 -4.34 18.44
CA THR D 28 -13.18 -3.96 18.54
C THR D 28 -13.41 -2.57 17.96
N PHE D 29 -14.30 -2.47 16.97
CA PHE D 29 -14.58 -1.25 16.18
C PHE D 29 -16.05 -0.91 16.43
N ILE D 30 -16.30 0.17 17.17
CA ILE D 30 -17.66 0.58 17.56
C ILE D 30 -17.94 1.89 16.84
N VAL D 31 -18.96 1.91 16.00
CA VAL D 31 -19.13 3.01 15.05
C VAL D 31 -20.59 3.38 14.94
N THR D 32 -20.84 4.69 14.74
CA THR D 32 -22.14 5.20 14.39
C THR D 32 -22.04 5.90 13.03
N ALA D 33 -22.96 5.58 12.14
CA ALA D 33 -23.00 6.16 10.81
C ALA D 33 -24.09 7.22 10.80
N GLY D 34 -23.72 8.46 10.41
CA GLY D 34 -24.70 9.51 10.28
C GLY D 34 -25.41 9.46 8.93
N ALA D 35 -26.56 10.11 8.87
CA ALA D 35 -27.39 10.01 7.67
C ALA D 35 -26.73 10.61 6.43
N ASP D 36 -25.76 11.51 6.58
CA ASP D 36 -25.13 12.16 5.42
C ASP D 36 -23.63 11.88 5.35
N GLY D 37 -23.17 10.73 5.83
CA GLY D 37 -21.83 10.25 5.51
C GLY D 37 -20.81 10.25 6.64
N ALA D 38 -21.17 10.68 7.84
CA ALA D 38 -20.19 10.70 8.92
C ALA D 38 -20.07 9.34 9.60
N LEU D 39 -18.85 9.02 10.04
CA LEU D 39 -18.59 7.88 10.91
C LEU D 39 -17.98 8.45 12.18
N THR D 40 -18.48 8.03 13.33
CA THR D 40 -17.91 8.38 14.63
C THR D 40 -17.94 7.17 15.56
N GLY D 41 -16.92 7.01 16.40
CA GLY D 41 -16.94 5.94 17.38
C GLY D 41 -15.62 5.77 18.08
N THR D 42 -15.36 4.53 18.50
CA THR D 42 -14.13 4.16 19.19
C THR D 42 -13.55 2.87 18.61
N TYR D 43 -12.23 2.74 18.78
CA TYR D 43 -11.46 1.60 18.31
C TYR D 43 -10.60 1.12 19.47
N GLU D 44 -10.62 -0.19 19.70
CA GLU D 44 -9.81 -0.85 20.71
C GLU D 44 -8.99 -1.93 20.01
N SER D 45 -7.67 -1.74 19.93
CA SER D 45 -6.80 -2.69 19.25
C SER D 45 -6.38 -3.81 20.19
N ALA D 46 -6.46 -5.04 19.70
CA ALA D 46 -5.96 -6.19 20.45
C ALA D 46 -4.44 -6.29 20.41
N VAL D 47 -3.77 -5.58 19.51
CA VAL D 47 -2.33 -5.73 19.29
C VAL D 47 -1.68 -4.36 19.26
N GLY D 48 -0.36 -4.35 19.42
CA GLY D 48 0.37 -3.11 19.29
C GLY D 48 0.44 -2.28 20.56
N ASN D 49 0.96 -1.06 20.40
CA ASN D 49 1.18 -0.15 21.52
C ASN D 49 -0.13 0.62 21.74
N ALA D 50 -1.08 -0.06 22.37
CA ALA D 50 -2.45 0.40 22.44
C ALA D 50 -3.12 -0.23 23.65
N GLU D 51 -3.97 0.56 24.30
CA GLU D 51 -4.67 0.20 25.51
C GLU D 51 -6.03 0.89 25.52
N SER D 52 -7.09 0.12 25.69
CA SER D 52 -8.43 0.68 25.87
C SER D 52 -8.89 1.29 24.56
N ARG D 53 -9.84 2.22 24.63
CA ARG D 53 -10.46 2.76 23.43
C ARG D 53 -9.82 4.07 23.00
N TYR D 54 -9.79 4.24 21.66
CA TYR D 54 -9.32 5.44 21.00
C TYR D 54 -10.45 6.01 20.15
N VAL D 55 -10.45 7.33 20.04
CA VAL D 55 -11.44 8.02 19.22
C VAL D 55 -11.16 7.73 17.76
N LEU D 56 -12.23 7.54 16.97
CA LEU D 56 -12.11 7.43 15.53
C LEU D 56 -13.15 8.33 14.88
N THR D 57 -12.83 8.83 13.70
CA THR D 57 -13.77 9.52 12.84
C THR D 57 -13.49 9.13 11.39
N GLY D 58 -14.53 9.22 10.56
CA GLY D 58 -14.41 8.79 9.18
C GLY D 58 -15.61 9.23 8.38
N ARG D 59 -15.69 8.71 7.15
CA ARG D 59 -16.74 9.03 6.18
C ARG D 59 -17.10 7.77 5.39
N TYR D 60 -18.36 7.70 4.96
CA TYR D 60 -18.81 6.64 4.08
C TYR D 60 -19.72 7.23 3.02
N ASP D 61 -19.91 6.49 1.93
CA ASP D 61 -20.78 6.89 0.82
C ASP D 61 -22.22 6.62 1.23
N SER D 62 -22.99 7.69 1.51
CA SER D 62 -24.34 7.55 2.09
C SER D 62 -25.40 7.24 1.05
N ALA D 63 -25.02 7.16 -0.23
CA ALA D 63 -25.96 6.87 -1.32
C ALA D 63 -25.28 5.93 -2.31
N PRO D 64 -25.09 4.65 -1.94
CA PRO D 64 -24.33 3.74 -2.79
C PRO D 64 -25.06 3.40 -4.09
N ALA D 65 -24.29 2.82 -5.02
CA ALA D 65 -24.79 2.43 -6.33
C ALA D 65 -25.64 1.16 -6.22
N THR D 66 -26.41 0.90 -7.26
CA THR D 66 -27.41 -0.16 -7.18
C THR D 66 -26.88 -1.53 -7.60
N ASP D 67 -26.05 -1.62 -8.64
CA ASP D 67 -25.73 -2.92 -9.25
C ASP D 67 -24.77 -3.74 -8.40
N GLY D 68 -25.19 -4.01 -7.16
CA GLY D 68 -24.51 -4.95 -6.29
C GLY D 68 -23.16 -4.50 -5.75
N SER D 69 -22.82 -3.22 -5.89
CA SER D 69 -21.54 -2.76 -5.41
C SER D 69 -21.56 -2.54 -3.90
N GLY D 70 -20.40 -2.75 -3.28
CA GLY D 70 -20.23 -2.42 -1.88
C GLY D 70 -20.22 -0.91 -1.67
N THR D 71 -20.18 -0.53 -0.39
CA THR D 71 -20.29 0.86 0.06
C THR D 71 -18.92 1.34 0.55
N ALA D 72 -18.36 2.32 -0.16
CA ALA D 72 -17.02 2.79 0.19
C ALA D 72 -17.00 3.52 1.53
N LEU D 73 -15.93 3.34 2.29
CA LEU D 73 -15.78 4.05 3.55
C LEU D 73 -14.32 4.07 4.01
N GLY D 74 -14.07 4.92 5.00
CA GLY D 74 -12.75 5.00 5.61
C GLY D 74 -12.84 5.68 6.95
N TRP D 75 -11.83 5.42 7.79
CA TRP D 75 -11.78 6.08 9.09
C TRP D 75 -10.35 6.12 9.58
N THR D 76 -10.11 7.01 10.54
CA THR D 76 -8.79 7.23 11.12
C THR D 76 -8.84 7.09 12.63
N VAL D 77 -7.77 6.55 13.20
CA VAL D 77 -7.51 6.56 14.63
C VAL D 77 -6.13 7.16 14.85
N ALA D 78 -6.03 8.16 15.74
CA ALA D 78 -4.72 8.57 16.26
C ALA D 78 -4.51 7.85 17.59
N TRP D 79 -3.35 7.25 17.77
CA TRP D 79 -3.15 6.32 18.89
C TRP D 79 -2.68 7.03 20.15
N LYS D 80 -3.46 8.02 20.56
CA LYS D 80 -3.31 8.73 21.80
C LYS D 80 -4.65 8.68 22.51
N ASN D 81 -4.61 8.31 23.79
CA ASN D 81 -5.77 8.43 24.66
C ASN D 81 -5.27 8.73 26.07
N ASN D 82 -6.13 8.57 27.06
CA ASN D 82 -5.71 8.93 28.41
C ASN D 82 -4.67 7.97 28.98
N TYR D 83 -4.47 6.81 28.36
CA TYR D 83 -3.53 5.82 28.88
C TYR D 83 -2.16 5.86 28.22
N ARG D 84 -2.12 6.00 26.90
CA ARG D 84 -0.87 5.89 26.16
C ARG D 84 -0.89 6.82 24.97
N ASN D 85 0.29 7.10 24.46
CA ASN D 85 0.44 7.81 23.19
C ASN D 85 1.50 7.08 22.39
N ALA D 86 1.08 6.44 21.30
CA ALA D 86 2.00 5.70 20.46
C ALA D 86 2.51 6.54 19.29
N HIS D 87 2.20 7.82 19.26
CA HIS D 87 2.73 8.74 18.25
C HIS D 87 2.58 8.18 16.85
N SER D 88 1.35 7.79 16.52
CA SER D 88 1.08 7.15 15.25
C SER D 88 -0.40 7.28 14.98
N ALA D 89 -0.76 7.03 13.73
CA ALA D 89 -2.17 7.04 13.31
C ALA D 89 -2.36 5.94 12.27
N THR D 90 -3.55 5.33 12.27
CA THR D 90 -3.93 4.37 11.26
C THR D 90 -5.15 4.86 10.52
N THR D 91 -5.12 4.70 9.20
CA THR D 91 -6.33 4.86 8.41
C THR D 91 -6.70 3.54 7.75
N TRP D 92 -8.01 3.27 7.75
CA TRP D 92 -8.57 2.13 7.07
C TRP D 92 -9.40 2.61 5.88
N SER D 93 -9.25 1.95 4.74
CA SER D 93 -10.04 2.29 3.54
C SER D 93 -10.60 1.00 3.00
N GLY D 94 -11.91 0.96 2.81
CA GLY D 94 -12.50 -0.28 2.37
C GLY D 94 -13.94 -0.17 1.94
N GLN D 95 -14.65 -1.30 2.08
CA GLN D 95 -16.04 -1.42 1.65
C GLN D 95 -16.84 -2.19 2.68
N TYR D 96 -18.06 -1.73 2.93
CA TYR D 96 -19.06 -2.48 3.66
C TYR D 96 -19.86 -3.26 2.62
N VAL D 97 -19.98 -4.57 2.83
CA VAL D 97 -20.77 -5.43 1.94
C VAL D 97 -21.91 -6.00 2.77
N GLY D 98 -23.12 -5.92 2.24
CA GLY D 98 -24.27 -6.47 2.90
C GLY D 98 -24.41 -7.93 2.55
N GLY D 99 -25.63 -8.42 2.60
CA GLY D 99 -25.89 -9.82 2.40
C GLY D 99 -26.21 -10.50 3.72
N ALA D 100 -26.22 -11.84 3.66
CA ALA D 100 -26.57 -12.64 4.83
C ALA D 100 -25.68 -12.30 6.02
N GLU D 101 -24.37 -12.20 5.80
CA GLU D 101 -23.42 -11.84 6.87
C GLU D 101 -22.62 -10.61 6.44
N ALA D 102 -22.97 -9.46 7.03
CA ALA D 102 -22.32 -8.22 6.63
C ALA D 102 -20.86 -8.24 7.02
N ARG D 103 -20.03 -7.64 6.17
CA ARG D 103 -18.60 -7.64 6.36
C ARG D 103 -18.09 -6.26 5.98
N ILE D 104 -17.02 -5.81 6.65
CA ILE D 104 -16.25 -4.66 6.21
C ILE D 104 -14.84 -5.14 5.89
N ASN D 105 -14.45 -5.01 4.63
CA ASN D 105 -13.13 -5.40 4.16
C ASN D 105 -12.28 -4.16 3.95
N THR D 106 -11.10 -4.13 4.55
CA THR D 106 -10.29 -2.94 4.52
C THR D 106 -8.83 -3.27 4.20
N GLN D 107 -8.15 -2.25 3.70
CA GLN D 107 -6.71 -2.12 3.74
C GLN D 107 -6.37 -0.92 4.62
N TRP D 108 -5.21 -0.94 5.24
CA TRP D 108 -4.92 0.12 6.19
C TRP D 108 -3.48 0.54 6.06
N LEU D 109 -3.22 1.77 6.51
CA LEU D 109 -1.91 2.40 6.55
C LEU D 109 -1.70 2.95 7.95
N LEU D 110 -0.63 2.50 8.59
CA LEU D 110 -0.27 3.01 9.92
C LEU D 110 1.01 3.81 9.74
N THR D 111 0.95 5.09 10.07
CA THR D 111 2.13 5.93 10.03
C THR D 111 2.50 6.30 11.44
N TYR D 112 3.79 6.20 11.73
CA TYR D 112 4.26 6.72 13.01
C TYR D 112 5.26 7.85 12.76
N GLY D 113 5.34 8.75 13.72
CA GLY D 113 6.24 9.89 13.59
C GLY D 113 7.69 9.49 13.51
N THR D 114 8.41 10.07 12.56
CA THR D 114 9.82 9.79 12.38
C THR D 114 10.59 11.09 12.17
N THR D 115 11.91 10.99 12.26
CA THR D 115 12.75 12.03 11.70
C THR D 115 12.72 11.95 10.17
N GLU D 116 13.22 13.01 9.52
CA GLU D 116 13.21 12.99 8.06
C GLU D 116 14.15 11.92 7.54
N ALA D 117 15.26 11.66 8.26
CA ALA D 117 16.19 10.62 7.83
C ALA D 117 15.53 9.26 7.80
N ASN D 118 14.49 9.06 8.60
CA ASN D 118 13.84 7.75 8.72
C ASN D 118 12.45 7.74 8.13
N ALA D 119 12.06 8.80 7.41
CA ALA D 119 10.71 8.88 6.89
C ALA D 119 10.42 7.72 5.95
N TRP D 120 11.46 7.15 5.31
CA TRP D 120 11.20 6.04 4.40
C TRP D 120 10.62 4.81 5.09
N MET D 121 10.79 4.67 6.40
CA MET D 121 10.30 3.49 7.12
C MET D 121 9.13 3.85 8.02
N SER D 122 8.40 4.90 7.67
CA SER D 122 7.38 5.44 8.56
C SER D 122 6.01 4.79 8.45
N THR D 123 5.74 3.94 7.43
CA THR D 123 4.37 3.53 7.14
C THR D 123 4.26 2.03 6.92
N LEU D 124 3.43 1.39 7.73
CA LEU D 124 3.03 0.00 7.62
C LEU D 124 1.71 -0.10 6.84
N VAL D 125 1.56 -1.22 6.10
CA VAL D 125 0.34 -1.49 5.33
C VAL D 125 -0.15 -2.88 5.69
N GLY D 126 -1.47 -3.01 5.78
CA GLY D 126 -2.02 -4.32 6.06
C GLY D 126 -3.48 -4.33 5.68
N HIS D 127 -4.15 -5.40 6.11
CA HIS D 127 -5.57 -5.53 5.80
C HIS D 127 -6.33 -6.17 6.94
N ASP D 128 -7.54 -5.66 7.18
CA ASP D 128 -8.39 -6.12 8.27
C ASP D 128 -9.76 -6.45 7.68
N THR D 129 -10.35 -7.54 8.12
CA THR D 129 -11.74 -7.80 7.76
C THR D 129 -12.56 -7.83 9.04
N PHE D 130 -13.69 -7.12 9.04
CA PHE D 130 -14.56 -6.97 10.19
C PHE D 130 -15.89 -7.67 9.98
N THR D 131 -16.38 -8.31 11.04
CA THR D 131 -17.74 -8.81 11.09
C THR D 131 -18.31 -8.49 12.47
N LYS D 132 -19.60 -8.69 12.61
CA LYS D 132 -20.27 -8.42 13.88
C LYS D 132 -20.27 -9.57 14.86
N VAL D 133 -19.62 -10.69 14.54
CA VAL D 133 -19.58 -11.85 15.44
C VAL D 133 -18.41 -11.71 16.40
N LYS D 134 -18.66 -12.10 17.66
CA LYS D 134 -17.65 -12.29 18.73
C LYS D 134 -17.49 -11.01 19.52
C02 X08 E . 12.84 -5.09 10.05
C03 X08 E . 11.95 -4.76 11.28
C04 X08 E . 11.69 -5.75 12.22
C05 X08 E . 10.89 -5.48 13.36
C06 X08 E . 10.38 -4.21 13.48
C07 X08 E . 10.66 -3.24 12.50
C09 X08 E . 9.50 -3.89 14.70
C10 X08 E . 13.37 -4.10 7.83
C11 X08 E . 14.72 -4.86 7.73
C13 X08 E . 16.08 -3.99 5.84
C15 X08 E . 16.67 -4.17 4.44
C16 X08 E . 17.01 -2.87 3.70
C17 X08 E . 15.70 -2.23 3.16
C18 X08 E . 16.02 -0.87 2.50
C19 X08 E . 14.67 -0.26 1.90
C20 X08 E . 14.95 1.10 1.46
C22 X08 E . 15.80 1.86 -0.59
C25 X08 E . 13.69 1.46 0.44
C26 X08 E . 12.99 -0.05 0.21
N01 X08 E . 13.05 -3.86 9.25
N08 X08 E . 11.41 -3.54 11.44
N12 X08 E . 15.20 -5.03 6.34
N21 X08 E . 16.14 1.26 0.74
N24 X08 E . 14.24 1.91 -0.68
O14 X08 E . 16.30 -3.04 6.50
O23 X08 E . 16.60 2.16 -1.47
S27 X08 E . 14.03 -1.11 0.53
H021 X08 E . 13.79 -5.48 10.37
H022 X08 E . 12.34 -5.84 9.44
H041 X08 E . 12.10 -6.74 12.09
H051 X08 E . 10.70 -6.24 14.10
H071 X08 E . 10.26 -2.24 12.61
H092 X08 E . 9.09 -2.89 14.60
H093 X08 E . 10.11 -3.95 15.60
H091 X08 E . 8.70 -4.63 14.76
H101 X08 E . 13.45 -3.15 7.32
H102 X08 E . 12.59 -4.69 7.37
H111 X08 E . 14.59 -5.84 8.17
H112 X08 E . 15.46 -4.30 8.28
H152 X08 E . 17.58 -4.76 4.53
H151 X08 E . 15.95 -4.73 3.84
H161 X08 E . 17.49 -2.19 4.39
H162 X08 E . 17.68 -3.09 2.88
H172 X08 E . 15.26 -2.89 2.41
H171 X08 E . 15.00 -2.10 3.97
H182 X08 E . 16.41 -0.19 3.25
H181 X08 E . 16.74 -0.99 1.71
H191 X08 E . 13.89 -0.29 2.66
H201 X08 E . 15.01 1.75 2.32
H251 X08 E . 12.99 2.19 0.84
H262 X08 E . 12.67 -0.14 -0.83
H261 X08 E . 12.14 -0.16 0.88
H011 X08 E . 12.19 -3.34 9.28
H121 X08 E . 14.94 -5.82 5.79
H211 X08 E . 17.06 1.01 1.07
H241 X08 E . 13.74 2.22 -1.49
MN MN F . 11.85 -2.18 9.70
BR BR G . 14.93 -3.26 10.82
C02 X08 H . -5.44 -1.17 -15.99
C03 X08 H . -6.38 0.06 -15.95
C04 X08 H . -6.22 1.03 -16.93
C05 X08 H . -7.02 2.18 -16.94
C06 X08 H . -7.98 2.30 -15.95
C07 X08 H . -8.10 1.30 -14.98
C09 X08 H . -8.87 3.55 -15.96
C10 X08 H . -4.99 -3.28 -14.78
C11 X08 H . -4.74 -4.17 -16.03
C13 X08 H . -4.27 -6.60 -15.47
C15 X08 H . -3.25 -7.73 -15.30
C16 X08 H . -3.77 -8.91 -14.47
C17 X08 H . -3.57 -8.61 -12.94
C18 X08 H . -4.17 -9.68 -12.03
C19 X08 H . -3.99 -9.35 -10.47
C20 X08 H . -4.75 -10.30 -9.69
C22 X08 H . -4.12 -12.42 -8.94
C25 X08 H . -4.03 -10.22 -8.18
C26 X08 H . -2.63 -9.34 -8.52
N01 X08 H . -5.95 -2.22 -15.10
N08 X08 H . -7.31 0.21 -15.01
N12 X08 H . -3.77 -5.25 -15.79
N21 X08 H . -4.71 -11.60 -10.06
N24 X08 H . -3.72 -11.43 -7.79
O14 X08 H . -5.43 -6.80 -15.30
O23 X08 H . -3.92 -13.59 -8.86
S27 X08 H . -2.32 -9.51 -10.00
H021 X08 H . -5.38 -1.55 -17.01
H022 X08 H . -4.44 -0.87 -15.66
H041 X08 H . -5.46 0.91 -17.68
H051 X08 H . -6.90 2.94 -17.70
H071 X08 H . -8.84 1.40 -14.20
H092 X08 H . -8.84 4.00 -16.95
H093 X08 H . -8.50 4.26 -15.23
H091 X08 H . -9.89 3.27 -15.71
H101 X08 H . -5.38 -3.89 -13.99
H102 X08 H . -4.05 -2.84 -14.47
H111 X08 H . -4.36 -3.53 -16.83
H112 X08 H . -5.68 -4.61 -16.32
H152 X08 H . -2.98 -8.10 -16.29
H151 X08 H . -2.36 -7.33 -14.82
H161 X08 H . -3.22 -9.81 -14.73
H162 X08 H . -4.82 -9.06 -14.67
H172 X08 H . -2.50 -8.53 -12.74
H171 X08 H . -4.04 -7.65 -12.70
H182 X08 H . -5.22 -9.76 -12.25
H181 X08 H . -3.69 -10.62 -12.25
H191 X08 H . -4.31 -8.34 -10.23
H201 X08 H . -5.79 -9.98 -9.73
H251 X08 H . -4.67 -9.77 -7.43
H262 X08 H . -1.80 -9.74 -7.93
H261 X08 H . -2.79 -8.29 -8.29
H011 X08 H . -6.21 -1.79 -14.24
H121 X08 H . -2.79 -5.07 -15.85
H211 X08 H . -5.03 -11.97 -10.95
H241 X08 H . -3.29 -11.67 -6.92
C1 GOL I . -6.92 -8.05 -2.44
O1 GOL I . -7.60 -6.83 -2.65
C2 GOL I . -7.79 -9.19 -2.96
O2 GOL I . -6.98 -10.02 -3.81
C3 GOL I . -8.50 -9.99 -1.86
O3 GOL I . -9.43 -10.82 -2.57
H11 GOL I . -6.74 -8.19 -1.50
H12 GOL I . -6.07 -8.06 -2.90
HO1 GOL I . -8.25 -6.79 -2.11
H2 GOL I . -8.52 -8.79 -3.45
HO2 GOL I . -6.23 -10.12 -3.42
H31 GOL I . -8.94 -9.39 -1.24
H32 GOL I . -7.86 -10.51 -1.35
HO3 GOL I . -9.25 -10.79 -3.41
MN MN J . -7.29 -1.91 -13.54
C02 X08 K . -13.81 3.81 -10.31
C03 X08 K . -13.18 2.79 -11.29
C04 X08 K . -13.98 1.75 -11.76
C05 X08 K . -13.47 0.81 -12.65
C06 X08 K . -12.16 0.98 -13.03
C07 X08 K . -11.40 2.04 -12.54
C09 X08 K . -11.53 -0.02 -14.01
C10 X08 K . -13.52 5.72 -8.86
C11 X08 K . -12.70 7.04 -8.79
C13 X08 K . -12.56 9.38 -7.87
C15 X08 K . -12.73 10.46 -6.77
C16 X08 K . -11.52 11.46 -6.70
C17 X08 K . -10.19 10.84 -6.11
C18 X08 K . -8.98 11.74 -6.31
C19 X08 K . -7.62 11.14 -5.69
C20 X08 K . -6.50 12.00 -6.01
C22 X08 K . -5.66 13.86 -4.81
C25 X08 K . -5.29 11.52 -4.91
C26 X08 K . -6.18 10.56 -3.87
N01 X08 K . -12.84 4.74 -9.74
N08 X08 K . -11.92 2.93 -11.69
N12 X08 K . -12.94 7.96 -7.67
N21 X08 K . -6.65 13.33 -5.82
N24 X08 K . -4.88 12.62 -4.30
O14 X08 K . -12.09 9.66 -8.92
O23 X08 K . -5.54 15.02 -4.43
S27 X08 K . -7.61 11.00 -3.94
H021 X08 K . -14.57 4.37 -10.84
H022 X08 K . -14.28 3.25 -9.49
H041 X08 K . -15.01 1.68 -11.44
H051 X08 K . -14.08 -0.02 -13.02
H071 X08 K . -10.37 2.15 -12.85
H092 X08 K . -12.31 -0.61 -14.48
H093 X08 K . -10.84 -0.67 -13.47
H091 X08 K . -10.98 0.52 -14.78
H101 X08 K . -13.62 5.30 -7.86
H102 X08 K . -14.51 5.92 -9.26
H111 X08 K . -12.90 7.59 -9.71
H112 X08 K . -11.64 6.76 -8.76
H152 X08 K . -13.63 11.02 -6.97
H151 X08 K . -12.81 9.96 -5.80
H161 X08 K . -11.81 12.30 -6.09
H162 X08 K . -11.31 11.81 -7.71
H172 X08 K . -10.33 10.66 -5.05
H171 X08 K . -10.00 9.88 -6.61
H182 X08 K . -8.84 11.90 -7.37
H181 X08 K . -9.18 12.69 -5.85
H191 X08 K . -7.50 10.14 -6.10
H201 X08 K . -6.27 11.83 -7.06
H251 X08 K . -4.46 11.00 -5.36
H262 X08 K . -5.80 10.69 -2.85
H261 X08 K . -6.11 9.52 -4.17
H011 X08 K . -12.38 5.23 -10.48
H121 X08 K . -13.33 7.63 -6.81
H211 X08 K . -7.33 13.90 -6.29
H241 X08 K . -4.15 12.64 -3.60
MN MN L . -10.24 4.60 -10.72
BR BR M . -8.03 -2.91 -16.48
BR BR N . -12.59 6.65 -11.98
C02 X08 O . 6.34 2.30 15.92
C03 X08 O . 7.64 1.71 15.34
C04 X08 O . 8.83 2.44 15.45
C05 X08 O . 10.03 1.93 14.95
C06 X08 O . 9.99 0.70 14.35
C07 X08 O . 8.77 0.01 14.28
C09 X08 O . 11.28 0.10 13.79
C10 X08 O . 3.96 2.25 15.74
C11 X08 O . 3.08 1.71 16.90
C13 X08 O . 0.78 1.20 17.50
C15 X08 O . -0.72 1.54 17.68
C16 X08 O . -1.63 0.31 17.57
C17 X08 O . -1.76 -0.10 16.06
C18 X08 O . -2.69 -1.32 15.93
C19 X08 O . -2.89 -1.74 14.41
C20 X08 O . -3.51 -3.07 14.33
C22 X08 O . -5.79 -3.58 14.36
C25 X08 O . -4.13 -3.13 12.79
C26 X08 O . -3.91 -1.56 12.27
N01 X08 O . 5.17 1.42 15.65
N08 X08 O . 7.64 0.53 14.78
N12 X08 O . 1.68 2.18 16.94
N21 X08 O . -4.54 -3.31 15.19
N24 X08 O . -5.41 -3.44 12.88
O14 X08 O . 1.27 0.15 17.84
O23 X08 O . -6.89 -3.82 14.77
S27 X08 O . -3.88 -0.62 13.51
H021 X08 O . 6.44 2.43 16.98
H022 X08 O . 6.15 3.27 15.46
H041 X08 O . 8.81 3.41 15.93
H051 X08 O . 10.95 2.49 15.03
H071 X08 O . 8.75 -0.97 13.81
H092 X08 O . 11.25 -0.98 13.86
H093 X08 O . 12.13 0.48 14.35
H091 X08 O . 11.38 0.38 12.74
H101 X08 O . 3.41 2.20 14.81
H102 X08 O . 4.23 3.28 15.95
H111 X08 O . 3.06 0.63 16.82
H112 X08 O . 3.54 2.00 17.83
H152 X08 O . -0.87 1.98 18.67
H151 X08 O . -1.02 2.26 16.92
H161 X08 O . -2.61 0.54 17.96
H162 X08 O . -1.20 -0.51 18.13
H172 X08 O . -2.17 0.73 15.50
H171 X08 O . -0.78 -0.35 15.67
H182 X08 O . -2.27 -2.14 16.47
H181 X08 O . -3.66 -1.07 16.35
H191 X08 O . -1.92 -1.78 13.91
H201 X08 O . -2.74 -3.81 14.53
H251 X08 O . -3.63 -3.85 12.14
H262 X08 O . -4.75 -1.27 11.63
H261 X08 O . -2.97 -1.48 11.73
H011 X08 O . 5.15 0.69 16.33
H121 X08 O . 1.39 3.07 16.61
H211 X08 O . -4.50 -3.30 16.18
H241 X08 O . -6.04 -3.55 12.11
MN MN P . 5.59 -0.65 14.46
BR BR Q . 5.81 -0.07 18.01
#